data_7DYU
#
_entry.id   7DYU
#
_cell.length_a   49.372
_cell.length_b   64.564
_cell.length_c   78.486
_cell.angle_alpha   90.000
_cell.angle_beta   90.000
_cell.angle_gamma   90.000
#
_symmetry.space_group_name_H-M   'P 21 21 21'
#
loop_
_entity.id
_entity.type
_entity.pdbx_description
1 polymer 'Bifunctional peptidase and arginyl-hydroxylase JMJD5'
2 non-polymer 2-AMINO-2-HYDROXYMETHYL-PROPANE-1,3-DIOL
3 non-polymer 'MANGANESE (II) ION'
4 non-polymer '5-(4-phenylbutylamino)pyridine-2,4-dicarboxylic acid'
5 water water
#
_entity_poly.entity_id   1
_entity_poly.type   'polypeptide(L)'
_entity_poly.pdbx_seq_one_letter_code
;STVPRLHRPSLQHFREQFLVPGRPVILKGVADHWPCMQKWSLEYIQEIAGCRTVPVEVGSRYTDEEWSQTLMTVNEFISK
YIVNEPRDVGYLAQHQLFDQIPELKQDISIPDYCSLGDGEEEEITINAWFGPQGTISPLHQDPQQNFLVQVMGRKYIRLY
SPQESGALYPHDTHLLHNTSQVDVENPDLEKFPKFAKAPFLSCILSPGEILFIPVKYWHYVRALDLSFSVSFWWS
;
_entity_poly.pdbx_strand_id   A
#
# COMPACT_ATOMS: atom_id res chain seq x y z
N SER A 1 17.26 7.05 6.27
CA SER A 1 17.94 5.82 5.86
C SER A 1 16.88 4.81 5.34
N THR A 2 17.32 3.59 5.09
CA THR A 2 16.54 2.63 4.32
C THR A 2 15.88 1.62 5.25
N VAL A 3 14.76 1.11 4.81
CA VAL A 3 14.06 0.04 5.49
C VAL A 3 14.86 -1.26 5.34
N PRO A 4 15.10 -2.01 6.41
CA PRO A 4 15.85 -3.25 6.27
C PRO A 4 15.07 -4.36 5.61
N ARG A 5 15.79 -5.21 4.92
CA ARG A 5 15.27 -6.38 4.22
C ARG A 5 15.74 -7.65 4.91
N LEU A 6 14.82 -8.52 5.31
CA LEU A 6 15.13 -9.80 5.90
C LEU A 6 14.49 -10.92 5.09
N HIS A 7 15.22 -11.99 4.91
CA HIS A 7 14.69 -13.17 4.23
C HIS A 7 14.05 -14.10 5.25
N ARG A 8 12.73 -14.35 5.07
CA ARG A 8 11.90 -15.26 5.87
C ARG A 8 12.32 -15.33 7.31
N PRO A 9 12.28 -14.23 8.04
CA PRO A 9 12.56 -14.31 9.49
C PRO A 9 11.56 -15.24 10.19
N SER A 10 12.00 -15.83 11.28
CA SER A 10 11.09 -16.63 12.11
C SER A 10 9.98 -15.73 12.68
N LEU A 11 8.88 -16.38 13.09
CA LEU A 11 7.80 -15.65 13.74
C LEU A 11 8.30 -14.94 14.97
N GLN A 12 9.09 -15.63 15.82
CA GLN A 12 9.57 -15.02 17.06
C GLN A 12 10.44 -13.81 16.77
N HIS A 13 11.31 -13.89 15.76
CA HIS A 13 12.18 -12.78 15.39
C HIS A 13 11.39 -11.59 14.90
N PHE A 14 10.43 -11.83 14.00
CA PHE A 14 9.58 -10.76 13.55
C PHE A 14 8.80 -10.16 14.70
N ARG A 15 8.26 -11.03 15.57
CA ARG A 15 7.48 -10.55 16.71
C ARG A 15 8.31 -9.62 17.56
N GLU A 16 9.48 -10.09 17.99
CA GLU A 16 10.29 -9.36 18.98
C GLU A 16 11.00 -8.15 18.41
N GLN A 17 11.47 -8.20 17.16
CA GLN A 17 12.27 -7.07 16.65
C GLN A 17 11.46 -6.06 15.86
N PHE A 18 10.24 -6.38 15.38
CA PHE A 18 9.54 -5.50 14.48
C PHE A 18 8.09 -5.29 14.92
N LEU A 19 7.34 -6.34 15.20
CA LEU A 19 5.92 -6.19 15.54
C LEU A 19 5.71 -5.50 16.90
N VAL A 20 6.27 -6.04 17.95
CA VAL A 20 6.13 -5.44 19.27
C VAL A 20 6.72 -4.02 19.33
N PRO A 21 7.98 -3.78 18.91
CA PRO A 21 8.45 -2.40 18.95
C PRO A 21 7.83 -1.50 17.88
N GLY A 22 7.20 -2.02 16.84
CA GLY A 22 6.63 -1.14 15.84
C GLY A 22 7.63 -0.57 14.85
N ARG A 23 8.50 -1.44 14.28
CA ARG A 23 9.55 -1.00 13.40
C ARG A 23 9.31 -1.60 12.03
N PRO A 24 9.35 -0.81 10.98
CA PRO A 24 9.16 -1.32 9.63
C PRO A 24 10.26 -2.24 9.15
N VAL A 25 9.87 -3.15 8.23
CA VAL A 25 10.82 -4.08 7.66
C VAL A 25 10.25 -4.56 6.33
N ILE A 26 11.13 -4.96 5.44
CA ILE A 26 10.73 -5.61 4.19
C ILE A 26 11.03 -7.09 4.35
N LEU A 27 9.99 -7.92 4.16
CA LEU A 27 10.15 -9.38 4.19
C LEU A 27 10.36 -9.91 2.78
N LYS A 28 11.47 -10.60 2.58
N LYS A 28 11.49 -10.57 2.59
CA LYS A 28 11.84 -11.21 1.33
CA LYS A 28 11.86 -11.23 1.35
C LYS A 28 11.69 -12.73 1.44
C LYS A 28 11.59 -12.72 1.47
N GLY A 29 11.40 -13.37 0.34
CA GLY A 29 11.27 -14.81 0.29
C GLY A 29 9.97 -15.33 0.87
N VAL A 30 8.99 -14.50 1.09
CA VAL A 30 7.70 -14.87 1.68
C VAL A 30 6.60 -14.94 0.64
N ALA A 31 6.40 -13.88 -0.13
CA ALA A 31 5.39 -13.84 -1.19
C ALA A 31 5.96 -14.08 -2.58
N ASP A 32 7.27 -14.17 -2.70
CA ASP A 32 8.06 -14.53 -3.88
C ASP A 32 7.39 -15.51 -4.86
N HIS A 33 6.95 -16.66 -4.34
CA HIS A 33 6.35 -17.69 -5.18
C HIS A 33 4.83 -17.76 -5.06
N TRP A 34 4.18 -16.72 -4.56
CA TRP A 34 2.72 -16.72 -4.66
C TRP A 34 2.35 -16.73 -6.13
N PRO A 35 1.30 -17.46 -6.54
CA PRO A 35 0.96 -17.51 -7.96
C PRO A 35 0.76 -16.15 -8.59
N CYS A 36 0.27 -15.16 -7.81
CA CYS A 36 0.04 -13.86 -8.44
C CYS A 36 1.31 -13.36 -9.11
N MET A 37 2.47 -13.70 -8.56
CA MET A 37 3.72 -13.11 -9.01
C MET A 37 4.03 -13.48 -10.44
N GLN A 38 3.58 -14.65 -10.90
N GLN A 38 3.54 -14.65 -10.91
CA GLN A 38 3.75 -15.00 -12.32
CA GLN A 38 3.77 -15.05 -12.29
C GLN A 38 2.51 -14.70 -13.15
C GLN A 38 2.52 -15.02 -13.16
N LYS A 39 1.32 -14.92 -12.58
CA LYS A 39 0.12 -14.94 -13.38
C LYS A 39 -0.47 -13.58 -13.74
N TRP A 40 -0.28 -12.54 -12.91
CA TRP A 40 -1.10 -11.35 -13.02
C TRP A 40 -0.48 -10.39 -14.06
N SER A 41 -0.69 -10.71 -15.31
CA SER A 41 -0.52 -9.76 -16.38
C SER A 41 -1.80 -8.92 -16.56
N LEU A 42 -1.68 -7.84 -17.33
CA LEU A 42 -2.88 -7.10 -17.73
C LEU A 42 -3.87 -8.01 -18.40
N GLU A 43 -3.39 -8.88 -19.28
CA GLU A 43 -4.28 -9.79 -20.01
C GLU A 43 -5.04 -10.69 -19.05
N TYR A 44 -4.34 -11.26 -18.07
CA TYR A 44 -4.98 -12.13 -17.09
C TYR A 44 -6.00 -11.38 -16.27
N ILE A 45 -5.63 -10.21 -15.78
CA ILE A 45 -6.54 -9.39 -15.00
C ILE A 45 -7.80 -9.05 -15.79
N GLN A 46 -7.64 -8.72 -17.09
CA GLN A 46 -8.81 -8.51 -17.94
C GLN A 46 -9.63 -9.80 -18.11
N GLU A 47 -8.95 -10.94 -18.30
CA GLU A 47 -9.70 -12.19 -18.50
C GLU A 47 -10.55 -12.53 -17.28
N ILE A 48 -10.01 -12.33 -16.07
CA ILE A 48 -10.69 -12.83 -14.89
C ILE A 48 -11.58 -11.77 -14.24
N ALA A 49 -11.29 -10.49 -14.44
CA ALA A 49 -12.04 -9.41 -13.78
C ALA A 49 -12.61 -8.31 -14.71
N GLY A 50 -12.41 -8.41 -16.05
CA GLY A 50 -12.62 -7.30 -16.94
C GLY A 50 -14.03 -6.72 -16.88
N CYS A 51 -15.06 -7.58 -16.68
CA CYS A 51 -16.45 -7.16 -16.74
C CYS A 51 -16.97 -6.68 -15.41
N ARG A 52 -16.16 -6.76 -14.35
CA ARG A 52 -16.66 -6.49 -13.02
C ARG A 52 -16.48 -4.98 -12.75
N THR A 53 -17.35 -4.43 -11.90
CA THR A 53 -17.41 -3.03 -11.59
C THR A 53 -16.49 -2.80 -10.41
N VAL A 54 -15.66 -1.77 -10.51
CA VAL A 54 -14.73 -1.44 -9.44
C VAL A 54 -14.84 0.04 -9.14
N PRO A 55 -14.58 0.47 -7.88
CA PRO A 55 -14.48 1.90 -7.58
C PRO A 55 -13.12 2.40 -8.05
N VAL A 56 -13.09 3.60 -8.62
CA VAL A 56 -11.89 4.19 -9.17
C VAL A 56 -11.78 5.61 -8.64
N GLU A 57 -10.63 5.98 -8.11
CA GLU A 57 -10.37 7.34 -7.65
C GLU A 57 -9.65 8.08 -8.77
N VAL A 58 -10.17 9.25 -9.13
CA VAL A 58 -9.62 10.04 -10.23
C VAL A 58 -9.12 11.35 -9.67
N GLY A 59 -7.94 11.78 -10.12
CA GLY A 59 -7.41 13.10 -9.82
C GLY A 59 -6.33 13.10 -8.74
N TRP A 67 -10.33 15.98 -7.33
CA TRP A 67 -10.48 14.60 -6.87
C TRP A 67 -11.93 14.10 -6.88
N SER A 68 -12.12 12.79 -7.16
CA SER A 68 -13.46 12.21 -7.22
C SER A 68 -13.37 10.70 -7.34
N GLN A 69 -14.46 10.05 -6.95
CA GLN A 69 -14.63 8.61 -6.94
C GLN A 69 -15.77 8.20 -7.88
N THR A 70 -15.48 7.31 -8.79
CA THR A 70 -16.47 6.90 -9.77
C THR A 70 -16.45 5.36 -9.86
N LEU A 71 -17.25 4.83 -10.77
CA LEU A 71 -17.33 3.38 -10.92
C LEU A 71 -17.24 3.05 -12.39
N MET A 72 -16.59 1.94 -12.71
N MET A 72 -16.57 1.95 -12.70
CA MET A 72 -16.52 1.50 -14.07
CA MET A 72 -16.34 1.55 -14.08
C MET A 72 -16.04 0.07 -14.03
C MET A 72 -15.88 0.10 -14.07
N THR A 73 -16.08 -0.57 -15.21
CA THR A 73 -15.55 -1.93 -15.31
C THR A 73 -14.02 -1.93 -15.30
N VAL A 74 -13.43 -3.04 -14.85
CA VAL A 74 -11.99 -3.23 -14.94
C VAL A 74 -11.51 -2.97 -16.37
N ASN A 75 -12.20 -3.48 -17.38
CA ASN A 75 -11.81 -3.22 -18.76
C ASN A 75 -11.76 -1.70 -19.04
N GLU A 76 -12.83 -0.97 -18.66
CA GLU A 76 -12.81 0.47 -18.86
C GLU A 76 -11.64 1.14 -18.14
N PHE A 77 -11.32 0.70 -16.93
CA PHE A 77 -10.26 1.31 -16.15
C PHE A 77 -8.93 1.13 -16.85
N ILE A 78 -8.68 -0.11 -17.31
CA ILE A 78 -7.45 -0.39 -18.02
C ILE A 78 -7.37 0.42 -19.31
N SER A 79 -8.47 0.52 -20.04
N SER A 79 -8.47 0.50 -20.04
CA SER A 79 -8.44 1.23 -21.32
CA SER A 79 -8.45 1.21 -21.32
C SER A 79 -8.26 2.71 -21.09
C SER A 79 -8.29 2.71 -21.10
N LYS A 80 -8.92 3.27 -20.05
CA LYS A 80 -8.91 4.71 -19.92
C LYS A 80 -7.66 5.21 -19.18
N TYR A 81 -7.19 4.50 -18.19
CA TYR A 81 -6.18 5.00 -17.28
C TYR A 81 -4.85 4.31 -17.36
N ILE A 82 -4.72 3.22 -18.11
CA ILE A 82 -3.49 2.50 -18.16
C ILE A 82 -2.93 2.44 -19.56
N VAL A 83 -3.64 1.85 -20.51
CA VAL A 83 -3.02 1.55 -21.79
C VAL A 83 -3.11 2.75 -22.73
N ASN A 84 -4.15 3.55 -22.61
CA ASN A 84 -4.24 4.74 -23.40
C ASN A 84 -3.65 5.88 -22.60
N GLU A 85 -3.11 6.86 -23.33
CA GLU A 85 -2.58 8.10 -22.76
C GLU A 85 -3.69 8.67 -21.91
N PRO A 86 -3.68 8.47 -20.61
CA PRO A 86 -4.78 8.98 -19.81
C PRO A 86 -4.78 10.48 -19.74
N ARG A 87 -5.96 11.04 -19.50
CA ARG A 87 -6.15 12.46 -19.31
C ARG A 87 -6.17 12.88 -17.85
N ASP A 88 -6.45 11.93 -16.95
CA ASP A 88 -6.40 12.12 -15.51
C ASP A 88 -5.60 10.94 -14.95
N VAL A 89 -5.25 11.02 -13.66
CA VAL A 89 -4.72 9.87 -12.98
C VAL A 89 -5.88 9.12 -12.37
N GLY A 90 -5.96 7.85 -12.68
CA GLY A 90 -7.00 6.98 -12.13
C GLY A 90 -6.35 5.88 -11.32
N TYR A 91 -6.99 5.52 -10.21
CA TYR A 91 -6.44 4.55 -9.29
C TYR A 91 -7.54 3.65 -8.77
N LEU A 92 -7.43 2.36 -9.00
CA LEU A 92 -8.28 1.34 -8.38
C LEU A 92 -7.71 1.05 -7.02
N ALA A 93 -8.13 1.84 -6.03
CA ALA A 93 -7.43 1.98 -4.75
C ALA A 93 -8.30 1.43 -3.66
N GLN A 94 -7.67 0.72 -2.70
CA GLN A 94 -8.35 0.29 -1.48
C GLN A 94 -9.68 -0.40 -1.74
N HIS A 95 -9.68 -1.42 -2.57
CA HIS A 95 -10.90 -2.13 -2.91
C HIS A 95 -10.69 -3.62 -2.60
N GLN A 96 -11.65 -4.22 -1.94
CA GLN A 96 -11.67 -5.64 -1.55
C GLN A 96 -12.01 -6.52 -2.75
N LEU A 97 -11.10 -6.48 -3.72
CA LEU A 97 -11.25 -7.18 -4.99
C LEU A 97 -11.35 -8.68 -4.80
N PHE A 98 -10.72 -9.23 -3.78
CA PHE A 98 -10.69 -10.69 -3.64
C PHE A 98 -11.93 -11.24 -2.98
N ASP A 99 -12.66 -10.44 -2.21
CA ASP A 99 -14.00 -10.82 -1.80
C ASP A 99 -14.94 -10.77 -2.99
N GLN A 100 -14.75 -9.77 -3.86
CA GLN A 100 -15.63 -9.64 -5.02
C GLN A 100 -15.36 -10.75 -6.02
N ILE A 101 -14.09 -11.14 -6.17
CA ILE A 101 -13.67 -12.09 -7.18
C ILE A 101 -12.87 -13.20 -6.50
N PRO A 102 -13.55 -14.18 -5.90
CA PRO A 102 -12.84 -15.20 -5.09
C PRO A 102 -11.85 -16.02 -5.88
N GLU A 103 -12.05 -16.17 -7.18
CA GLU A 103 -11.08 -16.88 -8.01
C GLU A 103 -9.68 -16.29 -7.86
N LEU A 104 -9.57 -14.99 -7.56
CA LEU A 104 -8.27 -14.33 -7.32
C LEU A 104 -7.66 -14.64 -5.99
N LYS A 105 -8.46 -15.02 -4.99
CA LYS A 105 -7.90 -15.47 -3.73
C LYS A 105 -6.95 -16.66 -3.90
N GLN A 106 -7.16 -17.50 -4.90
CA GLN A 106 -6.27 -18.63 -5.10
C GLN A 106 -4.85 -18.19 -5.43
N ASP A 107 -4.63 -16.95 -5.84
CA ASP A 107 -3.30 -16.51 -6.25
C ASP A 107 -2.50 -15.84 -5.14
N ILE A 108 -3.07 -15.67 -3.95
CA ILE A 108 -2.39 -15.04 -2.84
C ILE A 108 -2.57 -15.91 -1.62
N SER A 109 -1.93 -15.51 -0.54
N SER A 109 -1.95 -15.49 -0.52
CA SER A 109 -2.08 -16.14 0.77
CA SER A 109 -2.11 -16.17 0.77
C SER A 109 -2.25 -15.03 1.79
C SER A 109 -1.95 -15.11 1.85
N ILE A 110 -2.45 -15.42 3.04
CA ILE A 110 -2.31 -14.53 4.20
C ILE A 110 -0.96 -14.84 4.83
N PRO A 111 -0.07 -13.86 4.96
CA PRO A 111 1.23 -14.15 5.60
C PRO A 111 1.07 -14.78 6.96
N ASP A 112 1.91 -15.78 7.22
CA ASP A 112 1.88 -16.49 8.51
C ASP A 112 2.10 -15.55 9.67
N TYR A 113 2.86 -14.46 9.45
CA TYR A 113 3.11 -13.50 10.50
C TYR A 113 1.83 -12.87 11.04
N CYS A 114 0.73 -12.84 10.23
CA CYS A 114 -0.52 -12.31 10.75
C CYS A 114 -1.02 -13.05 11.97
N SER A 115 -0.62 -14.29 12.16
CA SER A 115 -1.11 -15.08 13.28
C SER A 115 -0.49 -14.66 14.60
N LEU A 116 0.51 -13.78 14.58
CA LEU A 116 1.00 -13.16 15.80
C LEU A 116 0.08 -12.08 16.32
N GLY A 117 -0.92 -11.65 15.55
CA GLY A 117 -1.77 -10.57 15.98
C GLY A 117 -2.79 -11.03 17.02
N ASP A 118 -3.49 -10.07 17.62
CA ASP A 118 -4.54 -10.37 18.61
C ASP A 118 -5.93 -10.53 17.96
N GLY A 119 -6.02 -10.47 16.63
CA GLY A 119 -7.27 -10.53 15.92
C GLY A 119 -7.50 -11.87 15.22
N GLU A 120 -8.69 -11.97 14.60
CA GLU A 120 -9.08 -13.17 13.88
C GLU A 120 -8.73 -12.99 12.40
N GLU A 121 -8.39 -14.11 11.76
CA GLU A 121 -8.12 -14.09 10.31
C GLU A 121 -9.36 -13.69 9.52
N GLU A 122 -10.58 -14.02 10.02
CA GLU A 122 -11.80 -13.57 9.36
C GLU A 122 -11.92 -12.05 9.36
N GLU A 123 -11.15 -11.35 10.22
CA GLU A 123 -11.21 -9.90 10.31
C GLU A 123 -10.10 -9.22 9.52
N ILE A 124 -9.24 -9.98 8.86
CA ILE A 124 -8.19 -9.37 8.09
C ILE A 124 -8.80 -8.76 6.84
N THR A 125 -8.49 -7.50 6.56
CA THR A 125 -8.99 -6.80 5.36
C THR A 125 -7.94 -6.84 4.28
N ILE A 126 -8.28 -7.48 3.16
CA ILE A 126 -7.38 -7.58 2.02
C ILE A 126 -7.83 -6.57 0.92
N ASN A 127 -7.00 -5.57 0.61
CA ASN A 127 -7.31 -4.61 -0.43
C ASN A 127 -6.37 -4.73 -1.62
N ALA A 128 -6.93 -4.41 -2.78
CA ALA A 128 -6.12 -4.27 -3.97
C ALA A 128 -5.83 -2.81 -4.25
N TRP A 129 -4.68 -2.56 -4.85
CA TRP A 129 -4.20 -1.24 -5.26
C TRP A 129 -3.59 -1.43 -6.66
N PHE A 130 -4.33 -0.98 -7.66
CA PHE A 130 -4.01 -1.24 -9.08
C PHE A 130 -4.13 0.06 -9.84
N GLY A 131 -3.02 0.49 -10.42
CA GLY A 131 -3.04 1.74 -11.16
C GLY A 131 -1.82 1.98 -11.99
N PRO A 132 -1.84 3.08 -12.76
CA PRO A 132 -0.71 3.43 -13.60
C PRO A 132 0.42 4.01 -12.77
N GLN A 133 1.58 4.13 -13.44
CA GLN A 133 2.64 4.96 -12.89
C GLN A 133 2.07 6.33 -12.47
N GLY A 134 2.60 6.89 -11.41
CA GLY A 134 2.22 8.21 -10.94
C GLY A 134 1.12 8.29 -9.90
N THR A 135 0.46 7.20 -9.53
CA THR A 135 -0.50 7.30 -8.44
C THR A 135 0.22 7.69 -7.15
N ILE A 136 -0.43 8.52 -6.35
CA ILE A 136 0.17 9.05 -5.12
C ILE A 136 -0.81 8.96 -3.99
N SER A 137 -0.44 8.32 -2.91
CA SER A 137 -1.06 8.51 -1.61
C SER A 137 -0.62 9.84 -0.96
N PRO A 138 -1.46 10.48 -0.23
CA PRO A 138 -0.94 11.43 0.73
C PRO A 138 -0.36 10.65 1.91
N LEU A 139 0.56 11.29 2.58
CA LEU A 139 1.10 10.85 3.84
C LEU A 139 -0.02 10.72 4.87
N HIS A 140 -0.24 9.47 5.36
CA HIS A 140 -1.37 9.13 6.20
C HIS A 140 -0.99 7.95 7.11
N GLN A 141 -1.82 7.70 8.12
CA GLN A 141 -1.63 6.61 9.06
C GLN A 141 -2.92 5.82 9.09
N ASP A 142 -2.80 4.50 9.28
CA ASP A 142 -3.94 3.60 9.45
C ASP A 142 -3.99 3.01 10.85
N PRO A 143 -5.13 2.49 11.26
CA PRO A 143 -5.34 2.06 12.65
C PRO A 143 -5.08 0.58 12.88
N GLN A 144 -4.51 -0.15 11.90
CA GLN A 144 -4.12 -1.54 12.09
C GLN A 144 -2.71 -1.73 11.50
N GLN A 145 -2.13 -2.88 11.83
CA GLN A 145 -0.92 -3.32 11.17
C GLN A 145 -1.20 -3.54 9.67
N ASN A 146 -0.16 -3.53 8.86
CA ASN A 146 -0.26 -3.73 7.44
C ASN A 146 0.93 -4.50 6.88
N PHE A 147 0.65 -5.49 6.05
CA PHE A 147 1.64 -6.03 5.12
C PHE A 147 1.19 -5.61 3.72
N LEU A 148 2.02 -4.80 3.08
CA LEU A 148 1.79 -4.33 1.72
C LEU A 148 2.68 -5.15 0.76
N VAL A 149 2.02 -5.98 -0.04
CA VAL A 149 2.68 -6.97 -0.90
C VAL A 149 2.71 -6.37 -2.31
N GLN A 150 3.91 -6.23 -2.87
CA GLN A 150 4.10 -5.68 -4.20
C GLN A 150 4.09 -6.83 -5.20
N VAL A 151 3.22 -6.75 -6.22
CA VAL A 151 3.05 -7.83 -7.20
C VAL A 151 3.56 -7.44 -8.56
N MET A 152 3.14 -6.27 -9.05
CA MET A 152 3.58 -5.73 -10.33
C MET A 152 4.15 -4.32 -10.13
N GLY A 153 5.22 -4.03 -10.80
CA GLY A 153 5.94 -2.74 -10.74
C GLY A 153 6.51 -2.40 -9.37
N ARG A 154 6.94 -1.15 -9.25
CA ARG A 154 7.66 -0.65 -8.10
C ARG A 154 6.97 0.58 -7.53
N LYS A 155 7.08 0.73 -6.22
CA LYS A 155 6.60 1.85 -5.48
C LYS A 155 7.69 2.47 -4.63
N TYR A 156 7.71 3.80 -4.64
N TYR A 156 7.74 3.80 -4.66
CA TYR A 156 8.51 4.58 -3.71
CA TYR A 156 8.53 4.55 -3.70
C TYR A 156 7.67 4.87 -2.46
C TYR A 156 7.66 4.82 -2.47
N ILE A 157 8.20 4.53 -1.30
CA ILE A 157 7.47 4.65 -0.06
C ILE A 157 8.35 5.37 0.95
N ARG A 158 7.75 6.32 1.66
CA ARG A 158 8.37 7.04 2.75
C ARG A 158 7.56 6.78 4.02
N LEU A 159 8.27 6.54 5.07
CA LEU A 159 7.74 6.17 6.38
C LEU A 159 8.21 7.13 7.49
N TYR A 160 7.27 7.64 8.27
CA TYR A 160 7.54 8.50 9.41
C TYR A 160 6.89 7.86 10.63
N SER A 161 7.66 7.76 11.71
N SER A 161 7.64 7.77 11.72
CA SER A 161 7.16 7.17 12.95
CA SER A 161 7.16 7.13 12.93
C SER A 161 5.99 7.99 13.47
C SER A 161 6.08 7.99 13.59
N PRO A 162 5.11 7.37 14.26
CA PRO A 162 4.07 8.16 14.98
C PRO A 162 4.66 9.12 15.96
N GLN A 163 5.88 8.91 16.42
CA GLN A 163 6.55 9.89 17.27
C GLN A 163 6.82 11.22 16.57
N GLU A 164 6.81 11.25 15.24
CA GLU A 164 7.04 12.45 14.48
C GLU A 164 5.75 13.18 14.06
N SER A 165 4.60 12.81 14.61
CA SER A 165 3.32 13.33 14.12
C SER A 165 3.27 14.86 14.15
N GLY A 166 3.83 15.47 15.19
CA GLY A 166 3.84 16.93 15.30
C GLY A 166 4.43 17.63 14.10
N ALA A 167 5.52 17.07 13.54
CA ALA A 167 6.18 17.65 12.36
C ALA A 167 5.49 17.36 11.04
N LEU A 168 4.39 16.62 11.06
CA LEU A 168 3.67 16.24 9.86
C LEU A 168 2.37 16.97 9.69
N TYR A 169 2.01 17.82 10.66
CA TYR A 169 0.88 18.73 10.57
C TYR A 169 -0.38 18.04 10.09
N PRO A 170 -0.94 17.12 10.90
CA PRO A 170 -2.17 16.49 10.50
C PRO A 170 -3.26 17.51 10.32
N HIS A 171 -4.17 17.21 9.43
CA HIS A 171 -5.37 17.99 9.24
C HIS A 171 -6.19 17.99 10.55
N ASP A 172 -6.74 19.16 10.87
CA ASP A 172 -7.50 19.28 12.12
C ASP A 172 -8.96 18.89 11.97
N THR A 173 -9.46 18.76 10.75
CA THR A 173 -10.78 18.17 10.55
C THR A 173 -10.75 16.72 10.97
N HIS A 174 -11.75 16.30 11.75
N HIS A 174 -11.75 16.30 11.75
CA HIS A 174 -11.70 14.97 12.33
CA HIS A 174 -11.71 14.96 12.33
C HIS A 174 -11.67 13.88 11.26
C HIS A 174 -11.64 13.89 11.23
N LEU A 175 -12.32 14.12 10.10
CA LEU A 175 -12.30 13.15 9.03
C LEU A 175 -10.91 12.99 8.39
N LEU A 176 -10.02 13.96 8.58
CA LEU A 176 -8.71 13.94 7.93
C LEU A 176 -7.57 13.95 8.95
N HIS A 177 -7.88 13.75 10.24
CA HIS A 177 -6.88 13.76 11.29
C HIS A 177 -5.79 12.72 11.07
N ASN A 178 -6.07 11.66 10.32
CA ASN A 178 -5.07 10.67 10.02
C ASN A 178 -4.23 11.01 8.76
N THR A 179 -4.32 12.21 8.22
CA THR A 179 -3.65 12.58 6.97
C THR A 179 -2.85 13.84 7.17
N SER A 180 -1.61 13.83 6.69
CA SER A 180 -0.75 14.98 6.74
C SER A 180 -1.22 16.07 5.81
N GLN A 181 -1.07 17.33 6.22
CA GLN A 181 -1.23 18.42 5.29
C GLN A 181 -0.03 18.60 4.32
N VAL A 182 1.04 17.91 4.51
CA VAL A 182 2.31 18.16 3.82
C VAL A 182 2.39 17.31 2.55
N ASP A 183 2.76 17.95 1.44
N ASP A 183 2.80 17.94 1.45
CA ASP A 183 3.20 17.24 0.23
CA ASP A 183 3.16 17.20 0.21
C ASP A 183 4.61 16.72 0.44
C ASP A 183 4.59 16.69 0.30
N VAL A 184 4.76 15.40 0.58
CA VAL A 184 6.01 14.87 1.04
C VAL A 184 7.15 15.21 0.07
N GLU A 185 6.89 15.13 -1.20
CA GLU A 185 7.95 15.29 -2.18
C GLU A 185 8.16 16.69 -2.64
N ASN A 186 7.32 17.63 -2.21
CA ASN A 186 7.56 19.05 -2.52
C ASN A 186 6.96 19.89 -1.40
N PRO A 187 7.57 19.81 -0.20
CA PRO A 187 6.91 20.38 1.00
C PRO A 187 7.02 21.89 1.04
N ASP A 188 5.95 22.54 1.49
CA ASP A 188 5.94 23.99 1.74
C ASP A 188 6.56 24.24 3.10
N LEU A 189 7.84 24.50 3.12
CA LEU A 189 8.57 24.60 4.37
C LEU A 189 8.39 25.96 5.01
N GLU A 190 7.84 26.94 4.26
N GLU A 190 7.87 26.95 4.27
CA GLU A 190 7.48 28.22 4.87
CA GLU A 190 7.50 28.21 4.89
C GLU A 190 6.24 28.06 5.72
C GLU A 190 6.28 28.00 5.78
N LYS A 191 5.31 27.21 5.30
CA LYS A 191 4.16 26.87 6.12
C LYS A 191 4.40 25.69 7.10
N PHE A 192 5.21 24.67 6.72
CA PHE A 192 5.42 23.44 7.50
C PHE A 192 6.89 23.23 7.84
N PRO A 193 7.51 24.19 8.57
CA PRO A 193 8.96 24.17 8.73
C PRO A 193 9.47 22.95 9.50
N LYS A 194 8.65 22.36 10.37
CA LYS A 194 9.11 21.26 11.19
C LYS A 194 9.26 20.03 10.37
N PHE A 195 8.70 20.01 9.16
CA PHE A 195 8.74 18.78 8.35
C PHE A 195 10.17 18.47 7.89
N ALA A 196 10.95 19.50 7.63
CA ALA A 196 12.31 19.35 7.14
C ALA A 196 13.17 18.59 8.12
N LYS A 197 12.90 18.73 9.42
CA LYS A 197 13.72 18.12 10.45
C LYS A 197 13.32 16.69 10.77
N ALA A 198 12.21 16.19 10.24
CA ALA A 198 11.67 14.96 10.74
C ALA A 198 12.40 13.78 10.10
N PRO A 199 12.97 12.87 10.88
CA PRO A 199 13.66 11.72 10.27
C PRO A 199 12.67 10.76 9.66
N PHE A 200 13.11 10.00 8.65
CA PHE A 200 12.21 9.04 8.03
C PHE A 200 12.99 7.81 7.55
N LEU A 201 12.25 6.82 7.16
CA LEU A 201 12.77 5.68 6.40
C LEU A 201 12.16 5.73 5.01
N SER A 202 12.87 5.21 4.04
CA SER A 202 12.27 5.06 2.73
C SER A 202 12.75 3.79 2.03
N CYS A 203 12.05 3.42 0.97
CA CYS A 203 12.46 2.26 0.16
C CYS A 203 11.84 2.41 -1.22
N ILE A 204 12.29 1.59 -2.12
CA ILE A 204 11.58 1.26 -3.30
C ILE A 204 11.18 -0.21 -3.17
N LEU A 205 9.90 -0.46 -3.14
CA LEU A 205 9.30 -1.76 -2.92
C LEU A 205 9.15 -2.39 -4.30
N SER A 206 9.76 -3.55 -4.50
N SER A 206 9.75 -3.55 -4.52
CA SER A 206 9.70 -4.22 -5.81
CA SER A 206 9.74 -4.23 -5.81
C SER A 206 8.89 -5.51 -5.77
C SER A 206 8.88 -5.50 -5.78
N PRO A 207 8.54 -6.05 -6.96
CA PRO A 207 7.71 -7.23 -6.98
C PRO A 207 8.31 -8.36 -6.13
N GLY A 208 7.43 -9.03 -5.38
CA GLY A 208 7.74 -10.16 -4.55
C GLY A 208 8.12 -9.77 -3.12
N GLU A 209 8.25 -8.48 -2.85
CA GLU A 209 8.60 -7.95 -1.54
C GLU A 209 7.38 -7.55 -0.74
N ILE A 210 7.46 -7.70 0.59
CA ILE A 210 6.39 -7.33 1.50
C ILE A 210 6.91 -6.26 2.43
N LEU A 211 6.23 -5.14 2.48
CA LEU A 211 6.55 -4.08 3.42
C LEU A 211 5.62 -4.23 4.63
N PHE A 212 6.20 -4.41 5.79
CA PHE A 212 5.52 -4.30 7.07
C PHE A 212 5.46 -2.81 7.45
N ILE A 213 4.24 -2.27 7.55
CA ILE A 213 3.99 -0.93 8.03
C ILE A 213 3.34 -1.07 9.41
N PRO A 214 4.04 -0.76 10.50
CA PRO A 214 3.42 -0.92 11.82
C PRO A 214 2.19 -0.02 11.96
N VAL A 215 1.26 -0.43 12.82
CA VAL A 215 0.04 0.32 13.14
C VAL A 215 0.40 1.75 13.48
N LYS A 216 -0.29 2.68 12.82
N LYS A 216 -0.29 2.68 12.83
CA LYS A 216 -0.18 4.13 12.94
CA LYS A 216 -0.18 4.13 12.94
C LYS A 216 1.13 4.71 12.41
C LYS A 216 1.12 4.71 12.39
N TYR A 217 1.98 3.90 11.79
CA TYR A 217 3.15 4.45 11.10
C TYR A 217 2.65 5.26 9.90
N TRP A 218 3.17 6.46 9.73
CA TRP A 218 2.83 7.32 8.61
C TRP A 218 3.52 6.81 7.37
N HIS A 219 2.75 6.68 6.27
CA HIS A 219 3.31 6.25 5.03
C HIS A 219 2.77 7.07 3.85
N TYR A 220 3.62 7.15 2.86
CA TYR A 220 3.41 7.90 1.61
C TYR A 220 3.91 6.96 0.51
N VAL A 221 3.14 6.85 -0.55
CA VAL A 221 3.34 5.86 -1.61
C VAL A 221 3.16 6.50 -2.96
N ARG A 222 4.18 6.34 -3.82
CA ARG A 222 4.14 6.75 -5.22
C ARG A 222 4.52 5.57 -6.12
N ALA A 223 3.60 5.15 -6.99
CA ALA A 223 3.92 4.16 -8.01
C ALA A 223 4.90 4.71 -9.07
N LEU A 224 5.97 3.98 -9.30
CA LEU A 224 6.98 4.36 -10.28
C LEU A 224 6.70 3.72 -11.63
N ASP A 225 5.85 2.71 -11.67
CA ASP A 225 5.54 1.97 -12.88
C ASP A 225 4.07 1.60 -12.78
N LEU A 226 3.52 1.04 -13.88
CA LEU A 226 2.27 0.26 -13.78
C LEU A 226 2.41 -0.69 -12.60
N SER A 227 1.51 -0.60 -11.64
CA SER A 227 1.62 -1.20 -10.35
C SER A 227 0.41 -1.93 -9.85
N PHE A 228 0.65 -3.05 -9.18
CA PHE A 228 -0.39 -3.83 -8.51
C PHE A 228 0.14 -4.30 -7.17
N SER A 229 -0.51 -3.87 -6.08
CA SER A 229 -0.16 -4.18 -4.73
C SER A 229 -1.40 -4.76 -4.01
N VAL A 230 -1.13 -5.59 -3.00
CA VAL A 230 -2.14 -6.20 -2.17
C VAL A 230 -1.77 -5.94 -0.72
N SER A 231 -2.63 -5.21 0.00
N SER A 231 -2.66 -5.25 0.00
CA SER A 231 -2.41 -4.93 1.43
CA SER A 231 -2.47 -4.94 1.41
C SER A 231 -3.30 -5.81 2.30
C SER A 231 -3.29 -5.87 2.28
N PHE A 232 -2.75 -6.17 3.44
CA PHE A 232 -3.41 -6.98 4.47
C PHE A 232 -3.44 -6.14 5.73
N TRP A 233 -4.62 -5.69 6.11
CA TRP A 233 -4.81 -4.97 7.35
C TRP A 233 -5.25 -5.93 8.45
N TRP A 234 -4.50 -5.93 9.55
CA TRP A 234 -4.67 -6.99 10.56
C TRP A 234 -4.24 -6.44 11.89
N SER A 235 -4.67 -7.10 12.94
N SER A 235 -4.63 -7.12 12.95
CA SER A 235 -4.37 -6.69 14.32
CA SER A 235 -4.25 -6.77 14.32
C SER A 235 -3.99 -7.88 15.15
C SER A 235 -4.19 -8.00 15.19
#